data_6Z5B
#
_entry.id   6Z5B
#
_cell.length_a   78.100
_cell.length_b   78.310
_cell.length_c   82.340
_cell.angle_alpha   90.000
_cell.angle_beta   90.000
_cell.angle_gamma   90.000
#
_symmetry.space_group_name_H-M   'P 21 21 21'
#
loop_
_entity.id
_entity.type
_entity.pdbx_description
1 polymer 'Serine/threonine-protein kinase haspin'
2 non-polymer 'DIMETHYL SULFOXIDE'
3 non-polymer 6-(2-methoxyethoxy)-11,15-dimethyl-8-oxa-2,11,15,19,21,23-hexazatetracyclo[15.6.1.13,7.020,24]pentacosa-1(23),3(25),4,6,17,20(24),21-heptaen-10-one
4 water water
#
_entity_poly.entity_id   1
_entity_poly.type   'polypeptide(L)'
_entity_poly.pdbx_seq_one_letter_code
;MHHHHHHSSGVDLGTENLYFQSMGECSQKGPVPFSHCLPTEKLQRCEKIGEGVFGEVFQTIADHTPVAIKIIAIEGPDLV
NGSHQKTFEEILPEIIISKELSLLSGEVCNRTEGFIGLNSVHCVQGSYPPLLLKAWDHYNSTKGSANDRPDFFKDDQLFI
VLEFEFGGIDLEQMRTKLSSLATAKSILHQLTASLAVAEASLRFEHRDLHWGNVLLKKTSLKKLHYTLNGKSSTIPSCGL
QVSIIDYTLSRLERDGIVVFCDVSMDEDLFTGDGDYQFDIYRLMKKENNNRWGEYHPYSNVLWLHYLTDKMLKQMTFKTK
CNTPAMKQIKRKIQEFHRTMLNFSSATDLLCQHSLFK
;
_entity_poly.pdbx_strand_id   A
#
loop_
_chem_comp.id
_chem_comp.type
_chem_comp.name
_chem_comp.formula
DMS non-polymer 'DIMETHYL SULFOXIDE' 'C2 H6 O S'
Q7Z non-polymer 6-(2-methoxyethoxy)-11,15-dimethyl-8-oxa-2,11,15,19,21,23-hexazatetracyclo[15.6.1.13,7.020,24]pentacosa-1(23),3(25),4,6,17,20(24),21-heptaen-10-one 'C23 H30 N6 O4'
#
# COMPACT_ATOMS: atom_id res chain seq x y z
N GLN A 28 -13.65 -23.98 -3.26
CA GLN A 28 -12.80 -24.31 -4.44
C GLN A 28 -12.28 -25.75 -4.34
N LYS A 29 -11.02 -25.95 -3.91
CA LYS A 29 -10.50 -27.30 -3.58
C LYS A 29 -10.43 -27.48 -2.04
N GLY A 30 -11.25 -26.71 -1.32
CA GLY A 30 -11.32 -26.76 0.15
C GLY A 30 -10.13 -26.04 0.79
N PRO A 31 -10.25 -25.71 2.08
CA PRO A 31 -9.08 -25.14 2.73
C PRO A 31 -7.89 -26.09 2.70
N VAL A 32 -6.71 -25.54 2.66
CA VAL A 32 -5.49 -26.31 2.76
C VAL A 32 -4.87 -26.09 4.14
N PRO A 33 -3.92 -26.99 4.54
CA PRO A 33 -3.17 -26.75 5.74
C PRO A 33 -2.15 -25.70 5.55
N PHE A 34 -1.64 -25.20 6.66
CA PHE A 34 -0.65 -24.16 6.60
C PHE A 34 0.54 -24.66 5.77
N SER A 35 0.87 -25.95 5.91
CA SER A 35 2.06 -26.56 5.26
C SER A 35 2.00 -26.46 3.73
N HIS A 36 0.81 -26.31 3.19
CA HIS A 36 0.66 -26.07 1.79
C HIS A 36 1.31 -24.76 1.32
N CYS A 37 1.11 -23.67 2.05
CA CYS A 37 1.68 -22.34 1.73
C CYS A 37 2.99 -22.12 2.36
N LEU A 38 3.14 -22.69 3.54
CA LEU A 38 4.35 -22.51 4.28
C LEU A 38 4.88 -23.85 4.69
N PRO A 39 5.54 -24.54 3.75
CA PRO A 39 6.28 -25.73 4.07
C PRO A 39 7.35 -25.40 5.09
N THR A 40 7.84 -26.43 5.75
CA THR A 40 8.75 -26.28 6.87
C THR A 40 9.87 -25.25 6.63
N GLU A 41 10.58 -25.34 5.51
CA GLU A 41 11.72 -24.44 5.28
C GLU A 41 11.27 -22.98 5.16
N LYS A 42 10.14 -22.75 4.53
CA LYS A 42 9.57 -21.39 4.39
C LYS A 42 9.05 -20.88 5.77
N LEU A 43 8.42 -21.77 6.56
CA LEU A 43 8.02 -21.40 7.94
C LEU A 43 9.23 -21.05 8.78
N GLN A 44 10.26 -21.88 8.72
CA GLN A 44 11.48 -21.66 9.49
C GLN A 44 12.17 -20.34 9.15
N ARG A 45 11.92 -19.79 7.96
CA ARG A 45 12.60 -18.54 7.56
C ARG A 45 11.75 -17.28 7.74
N CYS A 46 10.53 -17.44 8.31
CA CYS A 46 9.63 -16.33 8.55
C CYS A 46 10.13 -15.39 9.62
N GLU A 47 10.20 -14.10 9.27
CA GLU A 47 10.42 -13.04 10.23
C GLU A 47 9.30 -12.02 10.16
N LYS A 48 8.77 -11.59 11.29
CA LYS A 48 7.63 -10.67 11.23
C LYS A 48 8.10 -9.28 10.84
N ILE A 49 7.35 -8.65 9.96
CA ILE A 49 7.74 -7.34 9.44
C ILE A 49 6.65 -6.30 9.64
N GLY A 50 5.47 -6.69 10.09
CA GLY A 50 4.43 -5.69 10.27
C GLY A 50 3.14 -6.28 10.81
N GLU A 51 2.24 -5.40 11.20
CA GLU A 51 0.99 -5.84 11.80
C GLU A 51 -0.10 -4.78 11.72
N GLY A 52 -1.33 -5.23 11.94
CA GLY A 52 -2.46 -4.39 12.19
C GLY A 52 -3.56 -5.19 12.84
N VAL A 53 -4.72 -4.56 13.00
CA VAL A 53 -5.85 -5.29 13.55
C VAL A 53 -6.25 -6.50 12.72
N PHE A 54 -6.24 -6.33 11.40
CA PHE A 54 -6.74 -7.33 10.46
C PHE A 54 -5.61 -7.84 9.57
N GLY A 55 -4.47 -8.17 10.16
CA GLY A 55 -3.36 -8.77 9.37
C GLY A 55 -2.01 -8.73 10.10
N GLU A 56 -1.33 -9.89 10.14
CA GLU A 56 0.10 -10.02 10.51
C GLU A 56 0.84 -10.25 9.18
N VAL A 57 2.03 -9.66 9.03
CA VAL A 57 2.81 -9.79 7.84
C VAL A 57 4.21 -10.27 8.22
N PHE A 58 4.67 -11.29 7.48
CA PHE A 58 5.98 -11.91 7.67
C PHE A 58 6.75 -11.83 6.34
N GLN A 59 8.07 -11.69 6.44
CA GLN A 59 8.95 -11.90 5.32
C GLN A 59 9.50 -13.34 5.41
N THR A 60 9.58 -14.04 4.30
CA THR A 60 10.28 -15.30 4.23
C THR A 60 11.00 -15.41 2.85
N ILE A 61 11.52 -16.56 2.55
CA ILE A 61 12.36 -16.72 1.35
C ILE A 61 11.87 -17.96 0.65
N ALA A 62 11.62 -17.82 -0.65
CA ALA A 62 11.26 -18.95 -1.48
C ALA A 62 12.09 -18.83 -2.77
N ASP A 63 12.78 -19.90 -3.13
CA ASP A 63 13.59 -19.94 -4.33
C ASP A 63 14.48 -18.68 -4.36
N HIS A 64 15.21 -18.52 -3.25
CA HIS A 64 16.24 -17.48 -3.08
C HIS A 64 15.70 -16.10 -3.11
N THR A 65 14.39 -15.95 -3.05
CA THR A 65 13.75 -14.66 -3.22
C THR A 65 12.85 -14.29 -2.04
N PRO A 66 13.00 -13.06 -1.51
CA PRO A 66 12.11 -12.66 -0.42
C PRO A 66 10.67 -12.44 -0.87
N VAL A 67 9.73 -12.83 -0.03
CA VAL A 67 8.32 -12.61 -0.26
C VAL A 67 7.71 -12.12 1.04
N ALA A 68 6.50 -11.56 0.95
CA ALA A 68 5.81 -11.11 2.15
C ALA A 68 4.57 -11.93 2.25
N ILE A 69 4.26 -12.39 3.45
CA ILE A 69 3.14 -13.29 3.66
C ILE A 69 2.19 -12.58 4.65
N LYS A 70 0.99 -12.21 4.18
CA LYS A 70 -0.03 -11.61 5.03
C LYS A 70 -1.09 -12.60 5.43
N ILE A 71 -1.36 -12.71 6.74
CA ILE A 71 -2.24 -13.76 7.27
C ILE A 71 -3.36 -13.06 8.05
N ILE A 72 -4.62 -13.39 7.71
CA ILE A 72 -5.81 -12.80 8.29
C ILE A 72 -6.72 -13.93 8.77
N ALA A 73 -7.07 -13.95 10.04
CA ALA A 73 -8.05 -14.89 10.58
C ALA A 73 -9.43 -14.49 10.08
N ILE A 74 -10.22 -15.46 9.62
CA ILE A 74 -11.56 -15.16 9.10
C ILE A 74 -12.61 -16.14 9.64
N GLU A 75 -13.85 -15.66 9.63
CA GLU A 75 -15.07 -16.45 9.75
C GLU A 75 -15.40 -16.92 11.13
N GLY A 76 -14.50 -16.75 12.10
CA GLY A 76 -14.76 -17.16 13.46
C GLY A 76 -15.61 -16.17 14.25
N PRO A 77 -16.26 -16.67 15.33
CA PRO A 77 -17.15 -15.87 16.14
C PRO A 77 -16.49 -14.91 17.09
N ASP A 78 -15.26 -15.18 17.46
CA ASP A 78 -14.66 -14.48 18.57
C ASP A 78 -13.65 -13.36 18.20
N LEU A 79 -13.22 -12.60 19.22
CA LEU A 79 -12.46 -11.39 19.02
C LEU A 79 -11.04 -11.74 18.77
N VAL A 80 -10.42 -10.98 17.85
CA VAL A 80 -9.00 -11.03 17.55
C VAL A 80 -8.54 -9.58 17.53
N ASN A 81 -7.53 -9.28 18.35
CA ASN A 81 -6.99 -7.94 18.42
C ASN A 81 -8.07 -6.87 18.78
N GLY A 82 -9.02 -7.26 19.59
CA GLY A 82 -10.08 -6.35 20.03
C GLY A 82 -11.26 -6.24 19.09
N SER A 83 -11.22 -6.83 17.89
CA SER A 83 -12.34 -6.71 16.95
C SER A 83 -12.76 -8.08 16.46
N HIS A 84 -13.99 -8.16 15.97
CA HIS A 84 -14.47 -9.37 15.33
C HIS A 84 -13.63 -9.66 14.12
N GLN A 85 -13.53 -10.94 13.81
CA GLN A 85 -12.86 -11.41 12.58
C GLN A 85 -13.72 -11.06 11.36
N LYS A 86 -13.08 -10.60 10.28
CA LYS A 86 -13.80 -10.50 9.02
C LYS A 86 -14.29 -11.86 8.54
N THR A 87 -15.43 -11.84 7.88
CA THR A 87 -15.86 -12.96 7.10
C THR A 87 -15.13 -12.95 5.76
N PHE A 88 -15.23 -14.06 5.06
CA PHE A 88 -14.61 -14.13 3.72
C PHE A 88 -15.21 -13.04 2.80
N GLU A 89 -16.53 -12.89 2.82
CA GLU A 89 -17.21 -11.86 2.03
CA GLU A 89 -17.23 -11.87 2.03
C GLU A 89 -16.74 -10.43 2.36
N GLU A 90 -16.39 -10.18 3.62
CA GLU A 90 -15.88 -8.85 4.04
C GLU A 90 -14.48 -8.57 3.61
N ILE A 91 -13.63 -9.60 3.55
CA ILE A 91 -12.27 -9.38 3.13
C ILE A 91 -12.06 -9.52 1.61
N LEU A 92 -12.98 -10.22 0.92
CA LEU A 92 -12.85 -10.41 -0.53
C LEU A 92 -12.60 -9.10 -1.33
N PRO A 93 -13.33 -8.02 -1.04
CA PRO A 93 -13.07 -6.81 -1.81
C PRO A 93 -11.62 -6.40 -1.85
N GLU A 94 -10.93 -6.52 -0.72
CA GLU A 94 -9.52 -6.13 -0.65
C GLU A 94 -8.60 -7.07 -1.43
N ILE A 95 -8.98 -8.36 -1.48
CA ILE A 95 -8.21 -9.36 -2.28
C ILE A 95 -8.41 -9.04 -3.78
N ILE A 96 -9.67 -8.79 -4.16
CA ILE A 96 -10.01 -8.44 -5.54
CA ILE A 96 -10.00 -8.46 -5.54
C ILE A 96 -9.21 -7.22 -5.98
N ILE A 97 -9.22 -6.19 -5.13
CA ILE A 97 -8.50 -4.97 -5.47
C ILE A 97 -7.01 -5.28 -5.59
N SER A 98 -6.44 -6.05 -4.66
CA SER A 98 -5.02 -6.42 -4.73
C SER A 98 -4.67 -7.03 -6.10
N LYS A 99 -5.49 -7.98 -6.52
CA LYS A 99 -5.27 -8.71 -7.73
C LYS A 99 -5.37 -7.78 -8.95
N GLU A 100 -6.41 -6.93 -8.98
CA GLU A 100 -6.59 -6.05 -10.14
C GLU A 100 -5.41 -5.13 -10.35
N LEU A 101 -4.90 -4.58 -9.26
CA LEU A 101 -3.76 -3.67 -9.28
C LEU A 101 -2.43 -4.34 -9.59
N SER A 102 -2.27 -5.52 -9.03
CA SER A 102 -1.15 -6.38 -9.41
C SER A 102 -1.10 -6.66 -10.90
N LEU A 103 -2.27 -6.94 -11.50
CA LEU A 103 -2.36 -7.32 -12.89
C LEU A 103 -1.93 -6.21 -13.88
N LEU A 104 -1.92 -4.98 -13.39
CA LEU A 104 -1.46 -3.84 -14.18
C LEU A 104 -0.04 -4.00 -14.66
N SER A 105 0.79 -4.80 -13.96
CA SER A 105 2.17 -5.02 -14.41
C SER A 105 2.28 -5.75 -15.78
N GLY A 106 1.22 -6.45 -16.15
CA GLY A 106 1.18 -7.23 -17.36
C GLY A 106 0.25 -6.70 -18.44
N GLU A 107 -0.35 -5.53 -18.17
CA GLU A 107 -1.23 -4.89 -19.16
C GLU A 107 -0.48 -4.13 -20.22
N VAL A 108 -1.20 -3.59 -21.21
CA VAL A 108 -0.60 -2.95 -22.39
C VAL A 108 -0.87 -1.43 -22.42
N CYS A 109 -2.12 -1.04 -22.48
CA CYS A 109 -2.48 0.37 -22.60
C CYS A 109 -2.20 1.11 -21.28
N ASN A 110 -2.52 0.44 -20.16
CA ASN A 110 -2.30 1.01 -18.84
C ASN A 110 -1.54 0.02 -17.98
N ARG A 111 -0.24 0.24 -17.90
CA ARG A 111 0.69 -0.69 -17.28
CA ARG A 111 0.73 -0.69 -17.32
C ARG A 111 1.55 0.05 -16.25
N THR A 112 1.64 -0.55 -15.06
CA THR A 112 2.51 -0.08 -14.01
C THR A 112 2.86 -1.25 -13.07
N GLU A 113 4.08 -1.21 -12.56
CA GLU A 113 4.51 -2.16 -11.54
C GLU A 113 4.47 -1.53 -10.15
N GLY A 114 3.79 -0.39 -9.99
CA GLY A 114 3.93 0.35 -8.73
C GLY A 114 3.03 -0.09 -7.60
N PHE A 115 2.16 -1.11 -7.84
CA PHE A 115 1.37 -1.69 -6.76
C PHE A 115 2.01 -2.97 -6.35
N ILE A 116 1.83 -3.36 -5.10
CA ILE A 116 2.48 -4.61 -4.61
C ILE A 116 1.96 -5.81 -5.38
N GLY A 117 2.89 -6.58 -5.93
CA GLY A 117 2.59 -7.75 -6.75
C GLY A 117 2.05 -8.86 -5.87
N LEU A 118 0.94 -9.40 -6.31
CA LEU A 118 0.29 -10.54 -5.63
C LEU A 118 0.69 -11.87 -6.32
N ASN A 119 1.29 -12.79 -5.55
CA ASN A 119 1.75 -14.06 -6.11
C ASN A 119 0.66 -15.16 -5.94
N SER A 120 -0.02 -15.21 -4.80
CA SER A 120 -1.04 -16.25 -4.59
C SER A 120 -1.90 -15.89 -3.39
N VAL A 121 -3.06 -16.54 -3.35
CA VAL A 121 -4.05 -16.42 -2.26
C VAL A 121 -4.47 -17.81 -1.92
N HIS A 122 -4.44 -18.14 -0.63
CA HIS A 122 -4.98 -19.42 -0.13
C HIS A 122 -5.88 -19.19 1.06
N CYS A 123 -6.85 -20.08 1.19
CA CYS A 123 -7.63 -20.23 2.39
C CYS A 123 -7.09 -21.43 3.15
N VAL A 124 -6.62 -21.17 4.36
CA VAL A 124 -5.94 -22.18 5.15
C VAL A 124 -6.79 -22.49 6.41
N GLN A 125 -6.73 -23.72 6.90
CA GLN A 125 -7.39 -24.12 8.15
CA GLN A 125 -7.39 -24.12 8.15
C GLN A 125 -6.41 -24.79 9.08
N GLY A 126 -6.41 -24.37 10.33
CA GLY A 126 -5.53 -24.96 11.33
C GLY A 126 -5.21 -24.02 12.44
N SER A 127 -4.58 -24.55 13.48
CA SER A 127 -4.03 -23.70 14.54
C SER A 127 -2.80 -22.95 14.01
N TYR A 128 -2.47 -21.85 14.66
CA TYR A 128 -1.34 -21.06 14.23
C TYR A 128 -0.06 -21.85 14.39
N PRO A 129 0.75 -21.93 13.34
CA PRO A 129 2.00 -22.68 13.47
C PRO A 129 2.89 -22.16 14.61
N PRO A 130 3.34 -23.06 15.49
CA PRO A 130 4.33 -22.70 16.52
C PRO A 130 5.54 -21.94 15.98
N LEU A 131 6.01 -22.26 14.79
CA LEU A 131 7.13 -21.49 14.18
C LEU A 131 6.78 -20.02 13.88
N LEU A 132 5.53 -19.73 13.49
CA LEU A 132 5.09 -18.38 13.33
C LEU A 132 5.01 -17.65 14.68
N LEU A 133 4.58 -18.36 15.73
CA LEU A 133 4.51 -17.76 17.07
C LEU A 133 5.88 -17.31 17.57
N LYS A 134 6.91 -18.08 17.24
CA LYS A 134 8.29 -17.76 17.60
C LYS A 134 8.70 -16.43 16.94
N ALA A 135 8.39 -16.31 15.67
CA ALA A 135 8.63 -15.08 14.92
C ALA A 135 7.82 -13.89 15.52
N TRP A 136 6.55 -14.16 15.85
CA TRP A 136 5.67 -13.18 16.48
C TRP A 136 6.27 -12.69 17.82
N ASP A 137 6.74 -13.65 18.64
CA ASP A 137 7.39 -13.34 19.91
C ASP A 137 8.63 -12.46 19.72
N HIS A 138 9.40 -12.72 18.67
CA HIS A 138 10.65 -11.98 18.50
C HIS A 138 10.35 -10.54 18.18
N TYR A 139 9.37 -10.33 17.32
CA TYR A 139 8.92 -8.95 16.99
C TYR A 139 8.36 -8.27 18.25
N ASN A 140 7.55 -8.99 19.03
CA ASN A 140 7.02 -8.41 20.26
C ASN A 140 8.14 -7.94 21.24
N SER A 141 9.20 -8.72 21.37
CA SER A 141 10.30 -8.41 22.29
CA SER A 141 10.28 -8.40 22.29
C SER A 141 11.13 -7.25 21.80
N THR A 142 11.27 -7.10 20.51
CA THR A 142 12.15 -6.08 19.93
C THR A 142 11.39 -4.80 19.55
N LYS A 143 10.30 -4.90 18.84
CA LYS A 143 9.57 -3.71 18.41
C LYS A 143 8.33 -3.45 19.28
N GLY A 144 7.78 -4.48 19.92
CA GLY A 144 6.48 -4.36 20.61
C GLY A 144 5.26 -4.49 19.72
N SER A 145 4.24 -5.23 20.17
CA SER A 145 3.01 -5.42 19.40
C SER A 145 1.80 -4.83 20.11
N ALA A 146 0.88 -4.31 19.30
CA ALA A 146 -0.48 -3.96 19.76
C ALA A 146 -1.43 -5.16 19.71
N ASN A 147 -1.00 -6.28 19.12
CA ASN A 147 -1.90 -7.40 18.87
C ASN A 147 -1.84 -8.46 19.96
N ASP A 148 -2.87 -9.28 20.01
CA ASP A 148 -2.87 -10.48 20.83
C ASP A 148 -1.88 -11.48 20.30
N ARG A 149 -1.21 -12.17 21.20
CA ARG A 149 -0.34 -13.28 20.80
C ARG A 149 -1.20 -14.37 20.14
N PRO A 150 -0.89 -14.73 18.88
CA PRO A 150 -1.83 -15.60 18.18
C PRO A 150 -1.70 -17.08 18.53
N ASP A 151 -1.85 -17.41 19.81
CA ASP A 151 -1.69 -18.78 20.30
C ASP A 151 -3.01 -19.44 20.74
N PHE A 152 -4.11 -18.76 20.54
CA PHE A 152 -5.40 -19.22 21.05
C PHE A 152 -6.31 -19.80 19.94
N PHE A 153 -5.86 -19.86 18.70
CA PHE A 153 -6.71 -20.33 17.60
C PHE A 153 -6.77 -21.87 17.65
N LYS A 154 -7.91 -22.42 17.31
CA LYS A 154 -8.12 -23.86 17.37
C LYS A 154 -7.92 -24.46 15.96
N ASP A 155 -7.94 -25.78 15.89
CA ASP A 155 -7.63 -26.46 14.64
C ASP A 155 -8.72 -26.30 13.55
N ASP A 156 -9.87 -25.69 13.89
CA ASP A 156 -10.89 -25.38 12.89
C ASP A 156 -10.78 -23.93 12.32
N GLN A 157 -9.83 -23.15 12.82
CA GLN A 157 -9.73 -21.77 12.43
C GLN A 157 -9.34 -21.62 11.00
N LEU A 158 -10.08 -20.79 10.30
CA LEU A 158 -9.77 -20.42 8.91
C LEU A 158 -8.97 -19.15 8.81
N PHE A 159 -8.07 -19.11 7.83
CA PHE A 159 -7.29 -17.93 7.57
C PHE A 159 -7.21 -17.70 6.07
N ILE A 160 -6.99 -16.46 5.69
CA ILE A 160 -6.56 -16.12 4.32
C ILE A 160 -5.10 -15.83 4.41
N VAL A 161 -4.31 -16.51 3.58
CA VAL A 161 -2.90 -16.28 3.47
C VAL A 161 -2.58 -15.74 2.08
N LEU A 162 -2.03 -14.52 2.05
CA LEU A 162 -1.72 -13.83 0.80
C LEU A 162 -0.22 -13.77 0.71
N GLU A 163 0.31 -14.19 -0.44
CA GLU A 163 1.74 -14.02 -0.70
C GLU A 163 1.95 -12.91 -1.68
N PHE A 164 2.72 -11.92 -1.26
CA PHE A 164 3.05 -10.77 -2.08
C PHE A 164 4.54 -10.75 -2.34
N GLU A 165 4.94 -10.10 -3.41
CA GLU A 165 6.36 -9.75 -3.54
C GLU A 165 6.80 -8.98 -2.30
N PHE A 166 8.07 -9.09 -1.92
CA PHE A 166 8.60 -8.26 -0.85
C PHE A 166 8.81 -6.83 -1.38
N GLY A 167 8.25 -5.86 -0.66
CA GLY A 167 8.22 -4.48 -1.09
C GLY A 167 9.25 -3.60 -0.43
N GLY A 168 9.97 -4.12 0.56
CA GLY A 168 10.93 -3.30 1.29
C GLY A 168 10.41 -2.77 2.63
N ILE A 169 10.67 -1.48 2.90
CA ILE A 169 10.33 -0.83 4.18
C ILE A 169 9.52 0.43 3.90
N ASP A 170 8.57 0.73 4.78
CA ASP A 170 7.67 1.88 4.51
C ASP A 170 8.39 3.21 4.67
N LEU A 171 7.84 4.18 3.99
CA LEU A 171 8.34 5.54 3.93
C LEU A 171 8.51 6.18 5.32
N GLU A 172 7.53 5.94 6.21
CA GLU A 172 7.63 6.45 7.55
C GLU A 172 8.89 5.94 8.25
N GLN A 173 9.10 4.63 8.15
CA GLN A 173 10.30 4.02 8.70
C GLN A 173 11.61 4.41 8.03
N MET A 174 11.52 4.99 6.82
CA MET A 174 12.69 5.49 6.09
C MET A 174 12.83 7.02 6.28
N ARG A 175 12.16 7.56 7.32
CA ARG A 175 12.12 9.03 7.55
C ARG A 175 13.51 9.65 7.49
N THR A 176 14.51 8.97 8.06
CA THR A 176 15.88 9.52 8.19
C THR A 176 16.91 8.83 7.29
N LYS A 177 16.40 8.12 6.31
CA LYS A 177 17.19 7.13 5.60
C LYS A 177 17.41 7.42 4.12
N LEU A 178 16.68 8.36 3.55
CA LEU A 178 16.82 8.66 2.10
C LEU A 178 17.95 9.63 1.81
N SER A 179 18.42 9.59 0.57
CA SER A 179 19.65 10.28 0.18
C SER A 179 19.42 11.80 0.06
N SER A 180 18.43 12.22 -0.70
CA SER A 180 18.21 13.66 -0.95
C SER A 180 16.81 13.90 -1.43
N LEU A 181 16.44 15.18 -1.56
CA LEU A 181 15.12 15.49 -2.12
C LEU A 181 14.97 15.00 -3.58
N ALA A 182 16.07 14.71 -4.28
CA ALA A 182 15.97 14.02 -5.61
C ALA A 182 15.26 12.65 -5.48
N THR A 183 15.63 11.92 -4.43
CA THR A 183 14.93 10.68 -4.10
C THR A 183 13.44 10.92 -3.83
N ALA A 184 13.16 12.01 -3.13
CA ALA A 184 11.78 12.40 -2.80
C ALA A 184 10.98 12.61 -4.11
N LYS A 185 11.58 13.34 -5.05
CA LYS A 185 10.93 13.57 -6.34
C LYS A 185 10.61 12.25 -7.05
N SER A 186 11.57 11.34 -7.16
CA SER A 186 11.34 10.00 -7.73
C SER A 186 10.17 9.30 -7.09
N ILE A 187 10.14 9.29 -5.75
CA ILE A 187 9.07 8.65 -5.05
C ILE A 187 7.71 9.28 -5.41
N LEU A 188 7.62 10.62 -5.43
CA LEU A 188 6.35 11.28 -5.77
C LEU A 188 5.95 10.99 -7.21
N HIS A 189 6.91 10.95 -8.10
CA HIS A 189 6.68 10.68 -9.53
C HIS A 189 6.19 9.27 -9.74
N GLN A 190 6.85 8.32 -9.08
CA GLN A 190 6.41 6.92 -9.11
C GLN A 190 4.99 6.72 -8.62
N LEU A 191 4.67 7.34 -7.49
CA LEU A 191 3.35 7.23 -6.91
C LEU A 191 2.30 7.86 -7.80
N THR A 192 2.63 9.06 -8.30
CA THR A 192 1.75 9.74 -9.22
C THR A 192 1.46 8.92 -10.51
N ALA A 193 2.50 8.39 -11.14
CA ALA A 193 2.36 7.51 -12.33
C ALA A 193 1.47 6.27 -12.04
N SER A 194 1.73 5.56 -10.92
CA SER A 194 0.98 4.37 -10.55
C SER A 194 -0.51 4.67 -10.33
N LEU A 195 -0.81 5.74 -9.58
CA LEU A 195 -2.19 6.15 -9.35
C LEU A 195 -2.89 6.58 -10.66
N ALA A 196 -2.16 7.31 -11.51
CA ALA A 196 -2.72 7.70 -12.82
C ALA A 196 -3.09 6.45 -13.69
N VAL A 197 -2.18 5.48 -13.78
CA VAL A 197 -2.40 4.28 -14.56
C VAL A 197 -3.61 3.54 -13.98
N ALA A 198 -3.71 3.45 -12.65
CA ALA A 198 -4.87 2.83 -12.03
C ALA A 198 -6.19 3.61 -12.19
N GLU A 199 -6.14 4.96 -12.19
CA GLU A 199 -7.32 5.77 -12.52
C GLU A 199 -7.84 5.44 -13.93
N ALA A 200 -6.88 5.38 -14.86
CA ALA A 200 -7.19 5.23 -16.25
C ALA A 200 -7.76 3.82 -16.54
N SER A 201 -7.17 2.81 -15.93
CA SER A 201 -7.59 1.42 -16.15
CA SER A 201 -7.61 1.43 -16.16
C SER A 201 -8.85 1.04 -15.34
N LEU A 202 -8.92 1.51 -14.11
CA LEU A 202 -9.83 0.95 -13.10
C LEU A 202 -10.64 1.97 -12.33
N ARG A 203 -10.52 3.26 -12.68
CA ARG A 203 -11.19 4.29 -11.91
C ARG A 203 -10.90 4.08 -10.41
N PHE A 204 -9.61 3.90 -10.15
CA PHE A 204 -9.05 3.63 -8.83
C PHE A 204 -8.85 4.86 -7.95
N GLU A 205 -9.28 4.73 -6.69
CA GLU A 205 -8.86 5.62 -5.64
C GLU A 205 -8.26 4.78 -4.49
N HIS A 206 -7.08 5.17 -4.02
CA HIS A 206 -6.51 4.45 -2.89
C HIS A 206 -7.25 4.70 -1.58
N ARG A 207 -7.42 5.98 -1.27
CA ARG A 207 -8.20 6.47 -0.16
C ARG A 207 -7.57 6.38 1.23
N ASP A 208 -6.36 5.84 1.32
CA ASP A 208 -5.69 5.75 2.62
C ASP A 208 -4.20 5.69 2.48
N LEU A 209 -3.68 6.56 1.61
CA LEU A 209 -2.27 6.42 1.17
C LEU A 209 -1.36 7.23 2.09
N HIS A 210 -1.42 6.94 3.39
CA HIS A 210 -0.49 7.55 4.34
C HIS A 210 0.88 6.95 4.17
N TRP A 211 1.86 7.52 4.84
CA TRP A 211 3.23 7.10 4.60
C TRP A 211 3.63 5.74 5.12
N GLY A 212 2.79 5.05 5.88
CA GLY A 212 3.00 3.65 6.19
C GLY A 212 2.63 2.70 5.05
N ASN A 213 1.95 3.19 4.01
CA ASN A 213 1.47 2.40 2.90
C ASN A 213 2.23 2.61 1.59
N VAL A 214 3.35 3.30 1.70
CA VAL A 214 4.28 3.50 0.57
C VAL A 214 5.57 2.74 0.94
N LEU A 215 5.91 1.73 0.15
CA LEU A 215 7.09 0.89 0.45
C LEU A 215 8.23 1.17 -0.53
N LEU A 216 9.43 1.16 0.01
CA LEU A 216 10.65 1.44 -0.71
C LEU A 216 11.60 0.27 -0.62
N LYS A 217 12.10 -0.17 -1.79
CA LYS A 217 13.18 -1.15 -1.85
C LYS A 217 14.18 -0.77 -2.97
N LYS A 218 15.40 -1.27 -2.81
CA LYS A 218 16.48 -0.97 -3.73
C LYS A 218 16.17 -1.58 -5.08
N THR A 219 16.57 -0.89 -6.13
CA THR A 219 16.52 -1.44 -7.49
C THR A 219 17.81 -1.08 -8.21
N SER A 220 18.30 -2.00 -9.04
CA SER A 220 19.43 -1.70 -9.91
C SER A 220 18.98 -0.99 -11.21
N LEU A 221 17.69 -0.91 -11.48
CA LEU A 221 17.21 -0.19 -12.67
C LEU A 221 17.42 1.32 -12.49
N LYS A 222 17.99 1.97 -13.49
CA LYS A 222 18.14 3.41 -13.47
C LYS A 222 16.85 4.15 -13.78
N LYS A 223 16.02 3.55 -14.62
CA LYS A 223 14.71 4.09 -14.99
CA LYS A 223 14.71 4.08 -15.04
C LYS A 223 13.62 3.04 -14.84
N LEU A 224 12.47 3.46 -14.38
CA LEU A 224 11.26 2.63 -14.29
C LEU A 224 10.29 3.03 -15.38
N HIS A 225 9.49 2.07 -15.82
CA HIS A 225 8.68 2.19 -17.02
C HIS A 225 7.24 2.07 -16.68
N TYR A 226 6.41 2.93 -17.29
CA TYR A 226 4.94 2.80 -17.20
C TYR A 226 4.34 3.16 -18.54
N THR A 227 3.06 2.82 -18.71
CA THR A 227 2.31 3.14 -19.94
C THR A 227 0.98 3.70 -19.49
N LEU A 228 0.63 4.89 -19.94
CA LEU A 228 -0.66 5.48 -19.60
C LEU A 228 -1.43 5.77 -20.88
N ASN A 229 -2.64 5.19 -20.97
CA ASN A 229 -3.45 5.21 -22.18
C ASN A 229 -2.61 5.08 -23.45
N GLY A 230 -1.75 4.06 -23.48
CA GLY A 230 -0.99 3.73 -24.67
C GLY A 230 0.32 4.50 -24.86
N LYS A 231 0.61 5.48 -24.00
CA LYS A 231 1.85 6.26 -24.07
C LYS A 231 2.78 5.83 -22.97
N SER A 232 3.93 5.31 -23.36
CA SER A 232 4.94 4.85 -22.41
C SER A 232 5.93 5.95 -22.10
N SER A 233 6.45 5.91 -20.88
CA SER A 233 7.44 6.86 -20.49
C SER A 233 8.23 6.24 -19.36
N THR A 234 9.24 6.97 -18.86
CA THR A 234 10.09 6.49 -17.81
C THR A 234 10.24 7.51 -16.65
N ILE A 235 10.70 7.01 -15.51
CA ILE A 235 10.93 7.78 -14.30
C ILE A 235 12.34 7.39 -13.77
N PRO A 236 13.22 8.37 -13.57
CA PRO A 236 14.50 8.02 -12.93
C PRO A 236 14.26 7.49 -11.55
N SER A 237 14.85 6.35 -11.24
CA SER A 237 14.46 5.66 -10.01
C SER A 237 15.17 6.21 -8.75
N CYS A 238 16.33 6.86 -8.95
CA CYS A 238 17.25 7.13 -7.83
C CYS A 238 17.54 5.88 -6.99
N GLY A 239 17.67 4.72 -7.63
CA GLY A 239 17.93 3.47 -6.92
C GLY A 239 16.80 2.85 -6.09
N LEU A 240 15.59 3.42 -6.16
CA LEU A 240 14.45 2.91 -5.37
C LEU A 240 13.26 2.56 -6.23
N GLN A 241 12.64 1.47 -5.84
CA GLN A 241 11.35 1.11 -6.39
C GLN A 241 10.26 1.24 -5.33
N VAL A 242 9.19 1.94 -5.68
CA VAL A 242 8.06 2.21 -4.80
C VAL A 242 6.96 1.12 -5.06
N SER A 243 6.40 0.62 -3.98
CA SER A 243 5.22 -0.27 -3.99
C SER A 243 4.14 0.30 -3.10
N ILE A 244 2.93 0.43 -3.66
CA ILE A 244 1.75 0.81 -2.90
C ILE A 244 1.09 -0.44 -2.29
N ILE A 245 0.61 -0.31 -1.07
CA ILE A 245 0.00 -1.39 -0.31
C ILE A 245 -1.30 -0.91 0.38
N ASP A 246 -2.04 -1.87 0.93
CA ASP A 246 -3.20 -1.65 1.86
C ASP A 246 -4.43 -1.04 1.23
N TYR A 247 -5.41 -1.91 0.95
CA TYR A 247 -6.59 -1.51 0.19
C TYR A 247 -7.83 -1.48 1.07
N THR A 248 -7.60 -1.28 2.37
CA THR A 248 -8.66 -1.18 3.37
CA THR A 248 -8.70 -1.23 3.32
C THR A 248 -9.81 -0.25 2.92
N LEU A 249 -9.44 0.90 2.37
CA LEU A 249 -10.42 1.94 2.04
C LEU A 249 -10.58 2.17 0.52
N SER A 250 -9.88 1.37 -0.29
CA SER A 250 -9.80 1.61 -1.72
C SER A 250 -11.09 1.31 -2.47
N ARG A 251 -11.13 1.88 -3.66
CA ARG A 251 -12.26 1.82 -4.56
C ARG A 251 -11.76 1.65 -6.02
N LEU A 252 -12.44 0.78 -6.76
CA LEU A 252 -12.28 0.68 -8.19
C LEU A 252 -13.50 0.04 -8.81
N GLU A 253 -13.47 -0.09 -10.14
CA GLU A 253 -14.56 -0.68 -10.85
C GLU A 253 -14.13 -1.34 -12.16
N ARG A 254 -14.91 -2.33 -12.59
CA ARG A 254 -14.81 -2.92 -13.93
C ARG A 254 -16.19 -3.19 -14.47
N ASP A 255 -16.43 -2.74 -15.70
CA ASP A 255 -17.72 -2.89 -16.34
C ASP A 255 -18.86 -2.40 -15.47
N GLY A 256 -18.62 -1.30 -14.75
CA GLY A 256 -19.66 -0.68 -13.96
C GLY A 256 -19.98 -1.38 -12.65
N ILE A 257 -19.17 -2.38 -12.28
CA ILE A 257 -19.32 -3.00 -10.96
C ILE A 257 -18.28 -2.36 -10.04
N VAL A 258 -18.73 -1.65 -8.98
CA VAL A 258 -17.84 -0.90 -8.11
C VAL A 258 -17.51 -1.72 -6.85
N VAL A 259 -16.23 -1.83 -6.55
CA VAL A 259 -15.76 -2.48 -5.36
C VAL A 259 -15.21 -1.33 -4.48
N PHE A 260 -15.72 -1.19 -3.26
CA PHE A 260 -15.32 -0.05 -2.39
C PHE A 260 -15.70 -0.33 -0.94
N CYS A 261 -15.04 0.36 -0.03
CA CYS A 261 -15.38 0.30 1.40
C CYS A 261 -16.34 1.45 1.73
N ASP A 262 -17.56 1.11 2.11
CA ASP A 262 -18.58 2.12 2.42
C ASP A 262 -18.41 2.62 3.85
N VAL A 263 -17.78 3.77 3.99
CA VAL A 263 -17.49 4.36 5.29
C VAL A 263 -18.45 5.51 5.61
N SER A 264 -19.57 5.58 4.89
CA SER A 264 -20.56 6.66 5.05
C SER A 264 -21.12 6.74 6.47
N MET A 265 -21.12 5.64 7.24
CA MET A 265 -21.67 5.65 8.59
C MET A 265 -20.57 5.56 9.65
N ASP A 266 -19.33 5.64 9.22
CA ASP A 266 -18.23 5.56 10.17
C ASP A 266 -18.14 6.91 10.85
N GLU A 267 -17.97 6.90 12.15
CA GLU A 267 -17.82 8.16 12.88
C GLU A 267 -16.35 8.47 13.03
N ASP A 268 -15.64 7.51 13.63
CA ASP A 268 -14.27 7.69 14.08
C ASP A 268 -13.28 8.07 13.00
N LEU A 269 -13.47 7.58 11.77
CA LEU A 269 -12.50 7.85 10.72
C LEU A 269 -12.31 9.34 10.44
N PHE A 270 -13.34 10.14 10.72
CA PHE A 270 -13.39 11.56 10.36
C PHE A 270 -13.10 12.51 11.50
N THR A 271 -12.77 11.97 12.67
CA THR A 271 -12.57 12.79 13.88
C THR A 271 -11.13 12.73 14.36
N GLY A 272 -10.19 12.31 13.53
CA GLY A 272 -8.78 12.22 13.97
C GLY A 272 -8.16 13.60 14.09
N ASP A 273 -7.04 13.70 14.80
CA ASP A 273 -6.30 14.97 14.87
CA ASP A 273 -6.30 14.97 14.93
C ASP A 273 -4.80 14.72 15.09
N GLY A 274 -4.00 15.77 14.92
CA GLY A 274 -2.56 15.68 15.18
C GLY A 274 -1.66 15.45 13.99
N ASP A 275 -2.25 15.30 12.81
CA ASP A 275 -1.51 14.96 11.63
C ASP A 275 -2.44 15.30 10.49
N TYR A 276 -1.87 15.85 9.45
CA TYR A 276 -2.60 16.18 8.22
C TYR A 276 -3.31 14.95 7.68
N GLN A 277 -2.76 13.76 7.91
CA GLN A 277 -3.44 12.51 7.54
C GLN A 277 -4.94 12.56 7.83
N PHE A 278 -5.28 12.99 9.05
CA PHE A 278 -6.65 12.95 9.51
C PHE A 278 -7.54 14.02 8.87
N ASP A 279 -6.92 15.09 8.37
CA ASP A 279 -7.67 16.05 7.54
C ASP A 279 -8.03 15.46 6.19
N ILE A 280 -7.17 14.60 5.64
CA ILE A 280 -7.46 14.04 4.31
C ILE A 280 -8.77 13.22 4.32
N TYR A 281 -9.00 12.45 5.39
CA TYR A 281 -10.32 11.77 5.49
C TYR A 281 -11.50 12.74 5.42
N ARG A 282 -11.41 13.84 6.14
CA ARG A 282 -12.44 14.88 6.09
C ARG A 282 -12.55 15.53 4.72
N LEU A 283 -11.42 15.80 4.09
CA LEU A 283 -11.41 16.44 2.78
C LEU A 283 -11.96 15.52 1.67
N MET A 284 -11.73 14.20 1.80
CA MET A 284 -12.33 13.23 0.89
C MET A 284 -13.86 13.23 1.04
N LYS A 285 -14.34 13.23 2.29
CA LYS A 285 -15.78 13.21 2.56
C LYS A 285 -16.47 14.48 1.99
N LYS A 286 -15.80 15.61 2.16
CA LYS A 286 -16.26 16.87 1.55
C LYS A 286 -16.33 16.78 0.02
N GLU A 287 -15.29 16.24 -0.59
CA GLU A 287 -15.24 16.09 -2.07
C GLU A 287 -16.33 15.14 -2.63
N ASN A 288 -16.60 14.04 -1.93
CA ASN A 288 -17.55 13.02 -2.43
C ASN A 288 -18.95 13.10 -1.82
N ASN A 289 -19.24 14.13 -1.01
CA ASN A 289 -20.53 14.25 -0.32
C ASN A 289 -20.96 13.01 0.45
N ASN A 290 -19.99 12.33 1.03
CA ASN A 290 -20.23 11.11 1.77
C ASN A 290 -20.79 9.99 0.91
N ARG A 291 -20.56 10.06 -0.40
CA ARG A 291 -20.97 9.00 -1.32
C ARG A 291 -19.75 8.22 -1.84
N TRP A 292 -19.42 7.15 -1.13
CA TRP A 292 -18.14 6.46 -1.34
C TRP A 292 -18.13 5.57 -2.56
N GLY A 293 -19.31 5.29 -3.11
CA GLY A 293 -19.45 4.49 -4.33
C GLY A 293 -19.05 5.27 -5.58
N GLU A 294 -19.09 6.60 -5.49
CA GLU A 294 -18.78 7.42 -6.66
C GLU A 294 -17.29 7.42 -6.93
N TYR A 295 -16.91 7.87 -8.12
CA TYR A 295 -15.51 8.06 -8.50
C TYR A 295 -15.10 9.52 -8.36
N HIS A 296 -14.17 9.77 -7.45
CA HIS A 296 -13.61 11.10 -7.20
C HIS A 296 -12.09 11.01 -7.18
N PRO A 297 -11.46 11.02 -8.38
CA PRO A 297 -10.01 10.83 -8.37
C PRO A 297 -9.29 11.99 -7.73
N TYR A 298 -9.98 13.06 -7.39
CA TYR A 298 -9.34 14.07 -6.55
C TYR A 298 -8.78 13.51 -5.23
N SER A 299 -9.34 12.41 -4.72
CA SER A 299 -8.84 11.87 -3.47
C SER A 299 -7.40 11.44 -3.64
N ASN A 300 -7.00 11.02 -4.86
CA ASN A 300 -5.61 10.63 -5.09
C ASN A 300 -4.69 11.85 -5.01
N VAL A 301 -5.19 12.99 -5.47
CA VAL A 301 -4.44 14.29 -5.39
C VAL A 301 -4.26 14.69 -3.93
N LEU A 302 -5.32 14.51 -3.16
CA LEU A 302 -5.26 14.85 -1.73
C LEU A 302 -4.19 14.02 -1.03
N TRP A 303 -4.19 12.71 -1.30
CA TRP A 303 -3.09 11.85 -0.72
C TRP A 303 -1.72 12.21 -1.20
N LEU A 304 -1.57 12.49 -2.51
CA LEU A 304 -0.26 12.92 -3.00
C LEU A 304 0.23 14.24 -2.35
N HIS A 305 -0.69 15.16 -2.05
CA HIS A 305 -0.36 16.42 -1.40
C HIS A 305 0.10 16.12 0.03
N TYR A 306 -0.64 15.27 0.73
CA TYR A 306 -0.24 14.83 2.06
C TYR A 306 1.17 14.19 2.05
N LEU A 307 1.48 13.41 1.03
CA LEU A 307 2.81 12.76 0.96
C LEU A 307 3.89 13.82 0.65
N THR A 308 3.56 14.76 -0.24
CA THR A 308 4.46 15.84 -0.57
C THR A 308 4.75 16.66 0.70
N ASP A 309 3.69 16.96 1.47
CA ASP A 309 3.82 17.67 2.74
C ASP A 309 4.81 16.92 3.68
N LYS A 310 4.63 15.60 3.81
CA LYS A 310 5.59 14.75 4.58
C LYS A 310 7.05 14.87 4.10
N MET A 311 7.26 14.86 2.77
CA MET A 311 8.57 15.00 2.17
C MET A 311 9.28 16.30 2.57
N LEU A 312 8.51 17.37 2.63
CA LEU A 312 9.04 18.69 2.90
C LEU A 312 9.14 19.03 4.40
N LYS A 313 8.38 18.33 5.23
CA LYS A 313 8.21 18.72 6.60
C LYS A 313 8.69 17.71 7.61
N GLN A 314 8.56 16.42 7.33
CA GLN A 314 8.89 15.35 8.28
C GLN A 314 10.02 14.43 7.85
N MET A 315 10.33 14.32 6.57
CA MET A 315 11.46 13.53 6.13
C MET A 315 12.73 14.36 6.40
N THR A 316 13.83 13.67 6.65
CA THR A 316 15.11 14.35 6.78
C THR A 316 16.15 13.55 5.98
N PHE A 317 16.96 14.25 5.18
CA PHE A 317 17.82 13.63 4.19
C PHE A 317 19.30 13.68 4.53
N LYS A 318 20.01 12.65 4.08
CA LYS A 318 21.43 12.52 4.38
C LYS A 318 22.23 13.66 3.76
N THR A 319 21.82 14.06 2.56
CA THR A 319 22.45 15.17 1.84
C THR A 319 21.39 16.21 1.58
N LYS A 320 21.59 17.41 2.10
CA LYS A 320 20.68 18.51 1.89
C LYS A 320 20.99 19.15 0.53
N CYS A 321 20.22 20.18 0.18
CA CYS A 321 20.39 20.86 -1.10
C CYS A 321 21.48 21.87 -0.97
N ASN A 322 22.70 21.40 -1.15
CA ASN A 322 23.87 22.22 -0.93
C ASN A 322 24.41 22.73 -2.24
N THR A 323 23.71 22.47 -3.34
CA THR A 323 24.11 23.04 -4.62
C THR A 323 22.93 23.67 -5.34
N PRO A 324 23.24 24.54 -6.34
CA PRO A 324 22.22 25.07 -7.24
C PRO A 324 21.24 24.03 -7.81
N ALA A 325 21.70 22.94 -8.45
CA ALA A 325 20.71 21.99 -9.04
C ALA A 325 19.77 21.37 -7.97
N MET A 326 20.30 21.17 -6.77
CA MET A 326 19.55 20.52 -5.73
C MET A 326 18.60 21.52 -5.06
N LYS A 327 19.04 22.77 -4.84
CA LYS A 327 18.14 23.80 -4.33
C LYS A 327 16.93 24.00 -5.29
N GLN A 328 17.17 23.78 -6.58
CA GLN A 328 16.13 23.89 -7.61
C GLN A 328 15.08 22.79 -7.49
N ILE A 329 15.53 21.55 -7.26
CA ILE A 329 14.60 20.43 -7.02
C ILE A 329 13.80 20.75 -5.77
N LYS A 330 14.45 21.25 -4.74
CA LYS A 330 13.71 21.66 -3.54
C LYS A 330 12.60 22.66 -3.92
N ARG A 331 12.97 23.70 -4.67
CA ARG A 331 11.98 24.71 -5.13
CA ARG A 331 12.00 24.71 -5.11
C ARG A 331 10.83 24.10 -5.92
N LYS A 332 11.14 23.20 -6.85
CA LYS A 332 10.10 22.56 -7.66
C LYS A 332 9.16 21.69 -6.83
N ILE A 333 9.68 21.03 -5.80
CA ILE A 333 8.80 20.22 -4.94
C ILE A 333 7.96 21.16 -4.05
N GLN A 334 8.56 22.25 -3.60
CA GLN A 334 7.78 23.28 -2.89
C GLN A 334 6.64 23.83 -3.76
N GLU A 335 6.92 24.13 -5.01
CA GLU A 335 5.86 24.59 -5.95
C GLU A 335 4.75 23.54 -6.22
N PHE A 336 5.13 22.26 -6.31
CA PHE A 336 4.21 21.13 -6.43
C PHE A 336 3.28 21.16 -5.23
N HIS A 337 3.84 21.31 -4.04
CA HIS A 337 3.04 21.39 -2.82
C HIS A 337 2.00 22.51 -2.88
N ARG A 338 2.38 23.65 -3.45
CA ARG A 338 1.55 24.85 -3.48
C ARG A 338 0.49 24.84 -4.58
N THR A 339 0.71 23.99 -5.58
CA THR A 339 -0.10 24.05 -6.82
C THR A 339 -0.94 22.80 -7.10
N MET A 340 -0.53 21.65 -6.56
CA MET A 340 -1.08 20.35 -6.95
C MET A 340 -2.53 20.18 -6.63
N LEU A 341 -3.01 20.85 -5.58
CA LEU A 341 -4.43 20.74 -5.22
C LEU A 341 -5.36 21.43 -6.23
N ASN A 342 -4.79 22.19 -7.17
CA ASN A 342 -5.52 22.70 -8.32
C ASN A 342 -5.57 21.76 -9.53
N PHE A 343 -5.24 20.49 -9.31
CA PHE A 343 -5.36 19.46 -10.38
C PHE A 343 -6.41 18.46 -9.98
N SER A 344 -7.05 17.88 -10.97
CA SER A 344 -8.28 17.14 -10.71
C SER A 344 -8.09 15.63 -10.44
N SER A 345 -6.90 15.10 -10.71
CA SER A 345 -6.65 13.67 -10.65
C SER A 345 -5.13 13.43 -10.68
N ALA A 346 -4.69 12.23 -10.33
CA ALA A 346 -3.29 11.86 -10.50
C ALA A 346 -2.96 11.88 -11.99
N THR A 347 -3.93 11.54 -12.83
CA THR A 347 -3.72 11.61 -14.27
C THR A 347 -3.39 13.03 -14.74
N ASP A 348 -4.20 14.00 -14.29
CA ASP A 348 -4.02 15.46 -14.57
CA ASP A 348 -3.95 15.37 -14.70
C ASP A 348 -2.62 15.90 -14.12
N LEU A 349 -2.24 15.50 -12.89
CA LEU A 349 -0.92 15.87 -12.36
C LEU A 349 0.21 15.31 -13.20
N LEU A 350 0.13 14.03 -13.53
CA LEU A 350 1.21 13.40 -14.30
C LEU A 350 1.37 14.04 -15.68
N CYS A 351 0.25 14.26 -16.37
CA CYS A 351 0.28 14.73 -17.73
C CYS A 351 0.55 16.23 -17.88
N GLN A 352 0.19 17.00 -16.86
CA GLN A 352 0.24 18.48 -16.93
C GLN A 352 1.15 19.21 -15.97
N HIS A 353 1.49 18.61 -14.84
CA HIS A 353 2.30 19.35 -13.84
C HIS A 353 3.75 19.51 -14.25
N SER A 354 4.25 20.74 -14.15
CA SER A 354 5.64 21.06 -14.53
C SER A 354 6.68 20.18 -13.80
N LEU A 355 6.35 19.65 -12.65
CA LEU A 355 7.35 18.83 -11.89
C LEU A 355 7.83 17.60 -12.71
N PHE A 356 6.93 17.06 -13.54
CA PHE A 356 7.21 15.81 -14.25
C PHE A 356 7.66 16.05 -15.69
N LYS A 357 8.00 17.28 -16.05
CA LYS A 357 8.53 17.53 -17.37
C LYS A 357 10.08 17.58 -17.35
S DMS B . 1.72 10.09 -19.94
S DMS B . 2.41 9.86 -20.05
O DMS B . 0.91 10.54 -21.09
O DMS B . 3.40 8.92 -20.69
C1 DMS B . 3.04 9.15 -20.53
C1 DMS B . 3.15 11.32 -19.53
C2 DMS B . 2.43 11.44 -19.14
C2 DMS B . 1.35 10.47 -21.22
S DMS C . -14.39 -6.44 -10.24
S DMS C . -14.83 -7.24 -10.57
O DMS C . -15.48 -5.44 -10.34
O DMS C . -14.85 -7.47 -12.04
C1 DMS C . -14.95 -7.86 -9.46
C1 DMS C . -14.73 -8.72 -9.72
C2 DMS C . -14.08 -7.10 -11.79
C2 DMS C . -13.33 -6.46 -10.19
O3 Q7Z D . -1.88 -4.13 4.00
C4 Q7Z D . -1.21 -5.32 2.08
C5 Q7Z D . -0.23 -5.94 1.31
O4 Q7Z D . -1.66 -5.64 6.19
C6 Q7Z D . 1.08 -5.93 1.72
N1 Q7Z D . -0.40 -4.25 7.42
C7 Q7Z D . 1.43 -5.36 2.93
C8 Q7Z D . 0.46 -4.76 3.72
N2 Q7Z D . 3.57 -3.79 5.95
C9 Q7Z D . -0.87 -4.74 3.30
C10 Q7Z D . -1.57 -3.49 5.31
C11 Q7Z D . -1.20 -4.54 6.36
C12 Q7Z D . -0.10 -5.27 8.44
N3 Q7Z D . 7.32 -4.95 3.56
C13 Q7Z D . 0.25 -2.96 7.62
C14 Q7Z D . 1.52 -2.72 6.83
C15 Q7Z D . 2.56 -3.81 6.99
N4 Q7Z D . 6.40 -6.01 1.59
C1 Q7Z D . -5.88 -7.76 2.06
O1 Q7Z D . -4.53 -7.32 1.84
C2 Q7Z D . -4.41 -6.38 0.80
C3 Q7Z D . -2.99 -5.99 0.61
O2 Q7Z D . -2.54 -5.29 1.76
C16 Q7Z D . 4.22 -2.48 5.74
C17 Q7Z D . 4.59 -4.81 6.11
C18 Q7Z D . 5.46 -4.74 4.82
C19 Q7Z D . 6.80 -4.50 4.75
C20 Q7Z D . 6.31 -5.47 2.81
C21 Q7Z D . 5.20 -6.35 1.12
N5 Q7Z D . 4.01 -6.21 1.69
C22 Q7Z D . 3.96 -5.65 2.90
N6 Q7Z D . 2.72 -5.39 3.45
C23 Q7Z D . 5.11 -5.28 3.56
#